data_9FQH
#
_entry.id   9FQH
#
_cell.length_a   56.811
_cell.length_b   73.873
_cell.length_c   93.608
_cell.angle_alpha   90.00
_cell.angle_beta   90.00
_cell.angle_gamma   90.00
#
_symmetry.space_group_name_H-M   'P 21 21 21'
#
loop_
_entity.id
_entity.type
_entity.pdbx_description
1 polymer 'E3 ubiquitin-protein ligase CBL-B'
2 non-polymer 8-[3-[3-methyl-1-(4-methyl-1,2,4-triazol-3-yl)cyclobutyl]phenyl]-3-[[(3~{S})-3-methylpiperidin-1-yl]methyl]-5-(trifluoromethyl)-1$l^{4},7,8-triazabicyclo[4.3.0]nona-1(6),2,4-trien-9-one
3 non-polymer 'ZINC ION'
4 non-polymer 'SODIUM ION'
5 water water
#
_entity_poly.entity_id   1
_entity_poly.type   'polypeptide(L)'
_entity_poly.pdbx_seq_one_letter_code
;HMPKQAAADRRTVEKTWKLMDKVVRLCQNPKLQLKNSPPYILDILPDTYQHLRLILSKYDDNQKLAQLSENEYFKIYIDS
LMKKSKRAIRLFKEGKERMYEEQSQDRRNLTKLSLIFSHMLAEIKAIFPNGQFQGDNFRITKADAAEFWRKFFGDKTIVP
WKVFRQCLHEVHQISSGLEAMALKSTIDLTCNDYISVFEFDIFTRLFQPWGSILRNWNFLAVTHPGYMAFLTYDEVKARL
QKYSTKPGSYIFRLSCTRLGQWAIGYVTGDGNILQTIPHNKPLFQALIDGSREGFYLYPDGRSYNPDLTGLCEPTPHDHI
KVTQEQYELYCEMGSTFQLCKICAENDKDVKIEPCGHLMCTSCLTAWQESDGQGCPFCRCEIKGTEPIIVDPFD
;
_entity_poly.pdbx_strand_id   A
#
# COMPACT_ATOMS: atom_id res chain seq x y z
N LYS A 4 -11.71 -11.33 -14.46
CA LYS A 4 -13.05 -10.80 -14.74
C LYS A 4 -13.97 -10.94 -13.53
N GLN A 5 -14.20 -9.83 -12.85
CA GLN A 5 -15.02 -9.80 -11.65
C GLN A 5 -16.51 -9.76 -11.99
N ALA A 6 -17.35 -10.21 -11.05
CA ALA A 6 -18.80 -10.17 -11.27
C ALA A 6 -19.32 -8.74 -11.38
N ALA A 7 -20.51 -8.54 -11.99
CA ALA A 7 -21.12 -7.21 -12.05
C ALA A 7 -21.43 -6.75 -10.62
N ALA A 8 -21.25 -5.47 -10.33
CA ALA A 8 -21.49 -4.96 -8.98
C ALA A 8 -22.96 -4.55 -8.84
N ASP A 9 -23.86 -5.54 -8.90
CA ASP A 9 -25.28 -5.28 -8.74
C ASP A 9 -25.61 -5.14 -7.24
N ARG A 10 -26.83 -4.67 -6.92
CA ARG A 10 -27.27 -4.52 -5.53
C ARG A 10 -27.03 -5.76 -4.66
N ARG A 11 -27.36 -6.95 -5.18
CA ARG A 11 -27.18 -8.21 -4.47
C ARG A 11 -25.71 -8.40 -4.07
N THR A 12 -24.79 -8.14 -5.00
CA THR A 12 -23.35 -8.28 -4.76
C THR A 12 -22.89 -7.28 -3.69
N VAL A 13 -23.32 -6.00 -3.79
CA VAL A 13 -23.01 -4.97 -2.79
C VAL A 13 -23.45 -5.41 -1.41
N GLU A 14 -24.67 -5.96 -1.29
CA GLU A 14 -25.18 -6.42 0.00
C GLU A 14 -24.45 -7.58 0.58
N LYS A 15 -23.83 -8.43 -0.25
CA LYS A 15 -23.00 -9.51 0.25
C LYS A 15 -21.78 -8.94 0.96
N THR A 16 -21.25 -7.79 0.50
CA THR A 16 -20.11 -7.17 1.18
C THR A 16 -20.52 -6.60 2.53
N TRP A 17 -21.75 -6.09 2.66
CA TRP A 17 -22.23 -5.59 3.95
C TRP A 17 -22.39 -6.71 4.93
N LYS A 18 -22.88 -7.89 4.49
CA LYS A 18 -23.05 -9.01 5.43
C LYS A 18 -21.69 -9.49 5.92
N LEU A 19 -20.69 -9.54 5.02
CA LEU A 19 -19.34 -9.94 5.42
C LEU A 19 -18.72 -8.87 6.30
N MET A 20 -18.97 -7.58 5.99
CA MET A 20 -18.45 -6.49 6.79
C MET A 20 -19.04 -6.48 8.16
N ASP A 21 -20.34 -6.83 8.32
CA ASP A 21 -20.93 -6.85 9.66
C ASP A 21 -20.30 -7.96 10.51
N LYS A 22 -19.96 -9.10 9.90
CA LYS A 22 -19.26 -10.19 10.60
C LYS A 22 -17.90 -9.70 11.12
N VAL A 23 -17.10 -9.01 10.27
CA VAL A 23 -15.80 -8.48 10.70
C VAL A 23 -15.93 -7.54 11.92
N VAL A 24 -16.95 -6.68 11.91
CA VAL A 24 -17.23 -5.75 13.00
C VAL A 24 -17.54 -6.54 14.28
N ARG A 25 -18.40 -7.57 14.16
CA ARG A 25 -18.80 -8.41 15.29
C ARG A 25 -17.59 -9.11 15.89
N LEU A 26 -16.72 -9.71 15.04
CA LEU A 26 -15.49 -10.37 15.49
C LEU A 26 -14.55 -9.38 16.17
N CYS A 27 -14.44 -8.17 15.61
CA CYS A 27 -13.55 -7.16 16.17
C CYS A 27 -14.08 -6.48 17.40
N GLN A 28 -15.36 -6.70 17.76
CA GLN A 28 -15.94 -6.12 18.96
C GLN A 28 -15.64 -6.89 20.25
N ASN A 29 -14.81 -7.92 20.20
CA ASN A 29 -14.44 -8.68 21.38
C ASN A 29 -13.57 -7.81 22.28
N PRO A 30 -14.00 -7.57 23.54
CA PRO A 30 -13.22 -6.71 24.43
C PRO A 30 -11.80 -7.17 24.71
N LYS A 31 -11.55 -8.49 24.60
CA LYS A 31 -10.21 -9.04 24.78
C LYS A 31 -9.24 -8.45 23.75
N LEU A 32 -9.71 -8.22 22.51
CA LEU A 32 -8.91 -7.64 21.43
C LEU A 32 -8.55 -6.18 21.71
N GLN A 33 -9.44 -5.42 22.37
CA GLN A 33 -9.23 -3.99 22.67
C GLN A 33 -9.16 -3.14 21.39
N LEU A 34 -10.07 -3.40 20.44
CA LEU A 34 -10.06 -2.67 19.17
C LEU A 34 -10.92 -1.41 19.15
N LYS A 35 -11.71 -1.14 20.21
CA LYS A 35 -12.53 0.07 20.28
C LYS A 35 -11.64 1.32 20.22
N ASN A 36 -10.53 1.28 20.92
CA ASN A 36 -9.55 2.35 20.91
C ASN A 36 -8.24 1.79 20.34
N SER A 37 -8.23 1.43 19.04
CA SER A 37 -7.05 0.87 18.39
C SER A 37 -6.94 1.30 16.93
N PRO A 38 -6.07 2.29 16.62
CA PRO A 38 -5.97 2.78 15.24
C PRO A 38 -5.55 1.73 14.21
N PRO A 39 -5.98 1.90 12.93
CA PRO A 39 -6.72 3.03 12.37
C PRO A 39 -8.24 3.01 12.60
N TYR A 40 -8.69 2.17 13.56
CA TYR A 40 -10.06 2.03 14.04
C TYR A 40 -10.98 1.29 13.09
N ILE A 41 -10.81 -0.03 12.96
CA ILE A 41 -11.64 -0.87 12.08
C ILE A 41 -13.15 -0.82 12.47
N LEU A 42 -13.45 -0.58 13.76
CA LEU A 42 -14.84 -0.44 14.19
C LEU A 42 -15.47 0.87 13.72
N ASP A 43 -14.69 1.85 13.24
CA ASP A 43 -15.21 3.10 12.64
C ASP A 43 -15.13 3.00 11.11
N ILE A 44 -14.10 2.34 10.57
CA ILE A 44 -13.89 2.26 9.13
C ILE A 44 -14.98 1.43 8.41
N LEU A 45 -15.31 0.24 8.92
CA LEU A 45 -16.33 -0.58 8.23
C LEU A 45 -17.70 0.07 8.29
N PRO A 46 -18.19 0.67 9.41
CA PRO A 46 -19.48 1.40 9.34
C PRO A 46 -19.40 2.58 8.36
N ASP A 47 -18.28 3.33 8.33
CA ASP A 47 -18.14 4.47 7.39
C ASP A 47 -18.19 3.97 5.94
N THR A 48 -17.59 2.80 5.68
CA THR A 48 -17.57 2.20 4.36
C THR A 48 -19.00 1.83 3.97
N TYR A 49 -19.74 1.20 4.90
CA TYR A 49 -21.13 0.86 4.67
C TYR A 49 -21.95 2.14 4.35
N GLN A 50 -21.81 3.21 5.16
CA GLN A 50 -22.56 4.45 4.91
C GLN A 50 -22.19 5.04 3.54
N HIS A 51 -20.90 4.95 3.11
CA HIS A 51 -20.54 5.49 1.80
C HIS A 51 -21.16 4.72 0.66
N LEU A 52 -21.19 3.39 0.79
CA LEU A 52 -21.84 2.52 -0.21
C LEU A 52 -23.34 2.81 -0.30
N ARG A 53 -23.97 3.09 0.84
CA ARG A 53 -25.38 3.46 0.89
C ARG A 53 -25.59 4.82 0.19
N LEU A 54 -24.67 5.77 0.42
CA LEU A 54 -24.73 7.08 -0.23
C LEU A 54 -24.63 6.91 -1.76
N ILE A 55 -23.72 6.02 -2.24
CA ILE A 55 -23.59 5.73 -3.67
C ILE A 55 -24.91 5.17 -4.21
N LEU A 56 -25.47 4.14 -3.56
CA LEU A 56 -26.75 3.55 -3.97
C LEU A 56 -27.89 4.55 -4.06
N SER A 57 -27.92 5.57 -3.18
CA SER A 57 -28.94 6.63 -3.19
C SER A 57 -28.78 7.57 -4.38
N LYS A 58 -27.55 7.74 -4.88
CA LYS A 58 -27.32 8.56 -6.05
C LYS A 58 -27.62 7.80 -7.36
N TYR A 59 -27.63 6.45 -7.31
CA TYR A 59 -27.94 5.65 -8.50
C TYR A 59 -29.22 4.93 -8.15
N ASP A 60 -30.27 5.73 -7.86
CA ASP A 60 -31.57 5.30 -7.32
C ASP A 60 -32.62 4.80 -8.32
N ASP A 61 -32.23 4.34 -9.51
CA ASP A 61 -33.22 3.77 -10.44
C ASP A 61 -32.60 2.64 -11.26
N ASN A 62 -33.42 1.85 -11.96
CA ASN A 62 -32.91 0.72 -12.75
C ASN A 62 -31.79 1.07 -13.71
N GLN A 63 -31.95 2.19 -14.44
CA GLN A 63 -30.98 2.65 -15.44
C GLN A 63 -29.67 3.20 -14.79
N LYS A 64 -29.82 3.89 -13.65
CA LYS A 64 -28.68 4.37 -12.91
C LYS A 64 -27.93 3.18 -12.32
N LEU A 65 -28.65 2.16 -11.82
CA LEU A 65 -28.00 0.96 -11.27
C LEU A 65 -27.32 0.14 -12.36
N ALA A 66 -27.84 0.17 -13.60
CA ALA A 66 -27.22 -0.53 -14.72
C ALA A 66 -25.85 0.11 -15.02
N GLN A 67 -25.75 1.47 -14.93
CA GLN A 67 -24.49 2.18 -15.17
C GLN A 67 -23.50 1.88 -14.06
N LEU A 68 -23.96 1.83 -12.81
CA LEU A 68 -23.08 1.57 -11.68
C LEU A 68 -22.52 0.14 -11.66
N SER A 69 -23.39 -0.86 -11.91
CA SER A 69 -22.91 -2.25 -11.89
C SER A 69 -21.89 -2.51 -12.99
N GLU A 70 -21.88 -1.71 -14.05
CA GLU A 70 -20.91 -1.88 -15.14
C GLU A 70 -19.64 -1.01 -14.96
N ASN A 71 -19.60 -0.12 -13.98
CA ASN A 71 -18.47 0.76 -13.75
C ASN A 71 -17.25 -0.08 -13.36
N GLU A 72 -16.20 -0.06 -14.20
CA GLU A 72 -15.00 -0.86 -14.00
C GLU A 72 -14.40 -0.68 -12.60
N TYR A 73 -14.27 0.56 -12.14
CA TYR A 73 -13.75 0.82 -10.80
C TYR A 73 -14.66 0.24 -9.69
N PHE A 74 -15.97 0.43 -9.78
CA PHE A 74 -16.89 -0.05 -8.75
C PHE A 74 -16.86 -1.55 -8.66
N LYS A 75 -16.82 -2.24 -9.80
CA LYS A 75 -16.73 -3.70 -9.79
C LYS A 75 -15.45 -4.18 -9.08
N ILE A 76 -14.29 -3.53 -9.35
CA ILE A 76 -13.04 -3.92 -8.67
C ILE A 76 -13.13 -3.59 -7.18
N TYR A 77 -13.73 -2.45 -6.84
CA TYR A 77 -13.88 -2.06 -5.44
C TYR A 77 -14.68 -3.13 -4.65
N ILE A 78 -15.90 -3.46 -5.11
CA ILE A 78 -16.78 -4.42 -4.45
C ILE A 78 -16.11 -5.80 -4.37
N ASP A 79 -15.43 -6.22 -5.46
CA ASP A 79 -14.73 -7.50 -5.45
C ASP A 79 -13.60 -7.50 -4.40
N SER A 80 -12.80 -6.41 -4.31
CA SER A 80 -11.72 -6.37 -3.31
C SER A 80 -12.24 -6.28 -1.89
N LEU A 81 -13.33 -5.56 -1.69
CA LEU A 81 -13.93 -5.40 -0.35
C LEU A 81 -14.42 -6.77 0.14
N MET A 82 -15.05 -7.53 -0.75
CA MET A 82 -15.53 -8.87 -0.46
C MET A 82 -14.35 -9.79 -0.10
N LYS A 83 -13.26 -9.73 -0.88
CA LYS A 83 -12.08 -10.55 -0.62
C LYS A 83 -11.38 -10.22 0.67
N LYS A 84 -11.25 -8.93 0.99
CA LYS A 84 -10.55 -8.53 2.22
C LYS A 84 -11.40 -8.82 3.46
N SER A 85 -12.74 -8.69 3.37
CA SER A 85 -13.61 -8.99 4.52
C SER A 85 -13.52 -10.48 4.84
N LYS A 86 -13.56 -11.33 3.80
CA LYS A 86 -13.43 -12.77 3.95
C LYS A 86 -12.09 -13.11 4.58
N ARG A 87 -10.99 -12.51 4.09
CA ARG A 87 -9.66 -12.73 4.66
C ARG A 87 -9.59 -12.41 6.14
N ALA A 88 -10.28 -11.32 6.55
CA ALA A 88 -10.33 -10.95 7.96
C ALA A 88 -11.10 -11.98 8.79
N ILE A 89 -12.19 -12.54 8.26
CA ILE A 89 -12.93 -13.59 8.99
C ILE A 89 -12.03 -14.83 9.10
N ARG A 90 -11.38 -15.21 7.98
CA ARG A 90 -10.46 -16.34 7.94
C ARG A 90 -9.32 -16.19 8.95
N LEU A 91 -8.89 -14.94 9.20
CA LEU A 91 -7.85 -14.60 10.16
C LEU A 91 -8.28 -14.94 11.60
N PHE A 92 -9.52 -14.59 11.99
CA PHE A 92 -10.02 -14.90 13.33
C PHE A 92 -10.23 -16.40 13.52
N LYS A 93 -10.71 -17.06 12.47
CA LYS A 93 -10.98 -18.49 12.46
C LYS A 93 -9.69 -19.29 12.73
N GLU A 94 -8.58 -18.91 12.07
CA GLU A 94 -7.30 -19.61 12.18
C GLU A 94 -6.42 -19.11 13.30
N GLY A 95 -6.56 -17.85 13.66
CA GLY A 95 -5.76 -17.25 14.71
C GLY A 95 -6.18 -17.73 16.08
N LYS A 96 -7.50 -17.95 16.27
CA LYS A 96 -8.09 -18.43 17.53
C LYS A 96 -7.63 -17.53 18.71
N GLU A 97 -6.99 -18.10 19.73
CA GLU A 97 -6.51 -17.36 20.90
C GLU A 97 -5.38 -16.38 20.55
N ARG A 98 -4.62 -16.64 19.47
CA ARG A 98 -3.56 -15.74 19.04
C ARG A 98 -4.08 -14.35 18.61
N MET A 99 -5.38 -14.24 18.29
CA MET A 99 -6.00 -12.94 17.97
C MET A 99 -6.07 -12.02 19.20
N TYR A 100 -5.94 -12.57 20.41
CA TYR A 100 -6.02 -11.77 21.63
C TYR A 100 -4.65 -11.28 22.12
N GLU A 101 -3.56 -11.83 21.58
CA GLU A 101 -2.19 -11.42 21.90
C GLU A 101 -1.82 -10.35 20.87
N GLU A 102 -1.65 -9.10 21.33
CA GLU A 102 -1.36 -7.92 20.52
C GLU A 102 -0.08 -7.99 19.65
N GLN A 103 0.93 -8.78 20.04
CA GLN A 103 2.18 -8.86 19.27
C GLN A 103 2.24 -10.02 18.26
N SER A 104 1.21 -10.86 18.23
CA SER A 104 1.19 -12.01 17.33
C SER A 104 1.15 -11.57 15.86
N GLN A 105 1.59 -12.47 14.97
CA GLN A 105 1.54 -12.24 13.53
C GLN A 105 0.09 -12.18 13.05
N ASP A 106 -0.84 -12.93 13.68
CA ASP A 106 -2.27 -12.85 13.33
C ASP A 106 -2.83 -11.44 13.62
N ARG A 107 -2.40 -10.79 14.72
CA ARG A 107 -2.85 -9.41 15.02
C ARG A 107 -2.15 -8.43 14.10
N ARG A 108 -0.88 -8.71 13.71
CA ARG A 108 -0.16 -7.87 12.78
C ARG A 108 -0.89 -7.88 11.42
N ASN A 109 -1.35 -9.06 10.99
CA ASN A 109 -2.13 -9.24 9.78
C ASN A 109 -3.47 -8.49 9.86
N LEU A 110 -4.08 -8.44 11.03
CA LEU A 110 -5.32 -7.67 11.23
C LEU A 110 -5.03 -6.19 11.05
N THR A 111 -3.84 -5.72 11.52
CA THR A 111 -3.45 -4.32 11.35
C THR A 111 -3.20 -4.01 9.88
N LYS A 112 -2.58 -4.92 9.12
CA LYS A 112 -2.41 -4.75 7.69
C LYS A 112 -3.77 -4.62 6.99
N LEU A 113 -4.74 -5.50 7.32
CA LEU A 113 -6.08 -5.39 6.73
C LEU A 113 -6.78 -4.11 7.15
N SER A 114 -6.56 -3.64 8.39
CA SER A 114 -7.17 -2.40 8.89
C SER A 114 -6.70 -1.20 8.08
N LEU A 115 -5.40 -1.18 7.71
CA LEU A 115 -4.80 -0.14 6.87
C LEU A 115 -5.39 -0.22 5.48
N ILE A 116 -5.53 -1.44 4.94
CA ILE A 116 -6.15 -1.58 3.60
C ILE A 116 -7.59 -1.02 3.59
N PHE A 117 -8.41 -1.38 4.59
CA PHE A 117 -9.79 -0.87 4.65
C PHE A 117 -9.81 0.65 4.79
N SER A 118 -8.86 1.22 5.55
CA SER A 118 -8.77 2.69 5.69
C SER A 118 -8.47 3.31 4.31
N HIS A 119 -7.50 2.76 3.60
CA HIS A 119 -7.12 3.26 2.28
C HIS A 119 -8.28 3.09 1.27
N MET A 120 -9.01 1.97 1.32
CA MET A 120 -10.18 1.73 0.45
C MET A 120 -11.31 2.75 0.71
N LEU A 121 -11.43 3.20 1.96
CA LEU A 121 -12.45 4.17 2.30
C LEU A 121 -12.07 5.52 1.73
N ALA A 122 -10.81 5.93 1.88
CA ALA A 122 -10.38 7.22 1.33
C ALA A 122 -10.48 7.16 -0.22
N GLU A 123 -10.13 6.02 -0.81
CA GLU A 123 -10.24 5.88 -2.27
C GLU A 123 -11.68 6.01 -2.77
N ILE A 124 -12.63 5.27 -2.17
CA ILE A 124 -14.02 5.33 -2.61
C ILE A 124 -14.60 6.74 -2.40
N LYS A 125 -14.21 7.45 -1.33
CA LYS A 125 -14.70 8.81 -1.10
C LYS A 125 -14.12 9.81 -2.09
N ALA A 126 -12.92 9.53 -2.64
CA ALA A 126 -12.30 10.42 -3.60
C ALA A 126 -12.88 10.15 -4.98
N ILE A 127 -13.12 8.87 -5.33
CA ILE A 127 -13.64 8.47 -6.64
C ILE A 127 -15.13 8.66 -6.75
N PHE A 128 -15.87 8.55 -5.63
CA PHE A 128 -17.32 8.75 -5.64
C PHE A 128 -17.64 9.84 -4.58
N PRO A 129 -17.13 11.08 -4.76
CA PRO A 129 -17.39 12.13 -3.76
C PRO A 129 -18.88 12.42 -3.72
N ASN A 130 -19.48 12.42 -2.53
CA ASN A 130 -20.93 12.58 -2.37
C ASN A 130 -21.76 11.44 -3.00
N GLY A 131 -21.14 10.31 -3.30
CA GLY A 131 -21.83 9.15 -3.85
C GLY A 131 -21.94 9.11 -5.38
N GLN A 132 -21.41 10.13 -6.06
CA GLN A 132 -21.50 10.25 -7.52
C GLN A 132 -20.12 9.99 -8.15
N PHE A 133 -20.05 9.10 -9.14
CA PHE A 133 -18.80 8.76 -9.79
C PHE A 133 -18.16 9.94 -10.47
N GLN A 134 -16.91 10.27 -10.09
CA GLN A 134 -16.11 11.34 -10.68
C GLN A 134 -14.68 10.88 -11.05
N GLY A 135 -14.49 9.58 -11.23
CA GLY A 135 -13.17 9.00 -11.51
C GLY A 135 -12.58 9.45 -12.83
N ASP A 136 -13.44 9.60 -13.83
CA ASP A 136 -13.08 10.08 -15.16
C ASP A 136 -12.77 11.60 -15.20
N ASN A 137 -13.07 12.33 -14.11
CA ASN A 137 -12.81 13.76 -13.90
C ASN A 137 -11.92 13.95 -12.64
N PHE A 138 -11.11 12.94 -12.27
CA PHE A 138 -10.26 13.02 -11.08
C PHE A 138 -9.08 13.92 -11.36
N ARG A 139 -8.72 14.79 -10.45
CA ARG A 139 -7.56 15.66 -10.64
C ARG A 139 -6.26 15.11 -10.08
N ILE A 140 -5.33 14.69 -10.95
CA ILE A 140 -4.00 14.27 -10.49
C ILE A 140 -3.28 15.57 -10.15
N THR A 141 -2.80 15.71 -8.93
CA THR A 141 -2.18 16.93 -8.45
C THR A 141 -0.93 17.35 -9.24
N LYS A 142 -0.03 16.43 -9.63
CA LYS A 142 1.15 16.85 -10.39
C LYS A 142 0.90 16.73 -11.88
N ALA A 143 1.03 17.84 -12.63
CA ALA A 143 0.75 17.87 -14.07
C ALA A 143 1.59 16.90 -14.84
N ASP A 144 2.90 16.81 -14.57
CA ASP A 144 3.74 15.85 -15.28
C ASP A 144 3.29 14.40 -14.98
N ALA A 145 2.80 14.14 -13.77
CA ALA A 145 2.24 12.82 -13.44
C ALA A 145 0.93 12.62 -14.20
N ALA A 146 0.10 13.67 -14.27
CA ALA A 146 -1.17 13.61 -15.00
C ALA A 146 -0.96 13.33 -16.46
N GLU A 147 0.10 13.89 -17.07
CA GLU A 147 0.36 13.64 -18.48
C GLU A 147 0.72 12.17 -18.71
N PHE A 148 1.46 11.55 -17.79
CA PHE A 148 1.80 10.13 -17.91
C PHE A 148 0.52 9.27 -17.87
N TRP A 149 -0.37 9.52 -16.91
CA TRP A 149 -1.60 8.73 -16.77
C TRP A 149 -2.45 8.82 -18.00
N ARG A 150 -2.65 10.05 -18.50
CA ARG A 150 -3.46 10.25 -19.69
C ARG A 150 -2.82 9.64 -20.94
N LYS A 151 -1.49 9.68 -21.03
CA LYS A 151 -0.80 9.13 -22.19
C LYS A 151 -0.99 7.62 -22.25
N PHE A 152 -0.67 6.91 -21.17
CA PHE A 152 -0.68 5.46 -21.19
C PHE A 152 -2.03 4.84 -20.93
N PHE A 153 -2.90 5.50 -20.18
CA PHE A 153 -4.18 4.91 -19.78
C PHE A 153 -5.41 5.77 -20.10
N GLY A 154 -5.24 6.86 -20.85
CA GLY A 154 -6.36 7.70 -21.25
C GLY A 154 -7.20 8.21 -20.10
N ASP A 155 -8.50 7.89 -20.14
CA ASP A 155 -9.42 8.32 -19.09
C ASP A 155 -9.73 7.20 -18.09
N LYS A 156 -8.93 6.11 -18.08
CA LYS A 156 -9.12 5.02 -17.15
C LYS A 156 -8.99 5.54 -15.70
N THR A 157 -9.86 5.04 -14.86
CA THR A 157 -9.80 5.36 -13.45
C THR A 157 -8.92 4.34 -12.74
N ILE A 158 -8.79 3.11 -13.30
CA ILE A 158 -8.03 2.05 -12.63
C ILE A 158 -7.42 1.15 -13.69
N VAL A 159 -6.21 0.64 -13.47
CA VAL A 159 -5.52 -0.24 -14.44
C VAL A 159 -4.85 -1.38 -13.68
N PRO A 160 -4.71 -2.57 -14.26
CA PRO A 160 -3.97 -3.64 -13.55
C PRO A 160 -2.52 -3.21 -13.25
N TRP A 161 -1.94 -3.67 -12.13
CA TRP A 161 -0.54 -3.39 -11.76
C TRP A 161 0.41 -3.80 -12.93
N LYS A 162 0.09 -4.93 -13.57
CA LYS A 162 0.84 -5.55 -14.68
C LYS A 162 1.10 -4.50 -15.77
N VAL A 163 0.03 -3.84 -16.23
CA VAL A 163 0.05 -2.80 -17.26
C VAL A 163 0.73 -1.52 -16.75
N PHE A 164 0.40 -1.10 -15.53
CA PHE A 164 0.97 0.10 -14.95
C PHE A 164 2.50 0.05 -14.89
N ARG A 165 3.05 -1.05 -14.34
CA ARG A 165 4.49 -1.26 -14.16
C ARG A 165 5.19 -1.22 -15.50
N GLN A 166 4.61 -1.88 -16.51
CA GLN A 166 5.24 -1.94 -17.84
C GLN A 166 5.33 -0.56 -18.45
N CYS A 167 4.28 0.23 -18.30
CA CYS A 167 4.23 1.58 -18.84
C CYS A 167 5.11 2.51 -18.05
N LEU A 168 5.17 2.36 -16.73
CA LEU A 168 6.04 3.14 -15.87
C LEU A 168 7.49 2.89 -16.21
N HIS A 169 7.85 1.63 -16.51
CA HIS A 169 9.19 1.26 -16.89
C HIS A 169 9.62 2.00 -18.17
N GLU A 170 8.67 2.27 -19.09
CA GLU A 170 8.90 2.97 -20.35
C GLU A 170 9.46 4.40 -20.14
N VAL A 171 9.18 5.02 -18.96
CA VAL A 171 9.60 6.38 -18.59
C VAL A 171 10.64 6.38 -17.46
N HIS A 172 10.44 5.56 -16.44
CA HIS A 172 11.37 5.44 -15.32
C HIS A 172 11.72 3.97 -15.18
N GLN A 173 12.97 3.60 -15.50
CA GLN A 173 13.37 2.21 -15.45
C GLN A 173 13.42 1.59 -14.05
N ILE A 174 12.83 0.39 -13.94
CA ILE A 174 12.77 -0.43 -12.74
C ILE A 174 13.78 -1.55 -12.98
N SER A 175 14.81 -1.63 -12.14
CA SER A 175 15.93 -2.53 -12.37
C SER A 175 15.77 -3.99 -12.05
N SER A 176 14.88 -4.36 -11.12
CA SER A 176 14.79 -5.75 -10.69
C SER A 176 13.38 -6.17 -10.23
N GLY A 177 13.20 -7.48 -10.04
CA GLY A 177 11.94 -8.05 -9.60
C GLY A 177 11.64 -7.62 -8.20
N LEU A 178 12.68 -7.58 -7.33
CA LEU A 178 12.50 -7.14 -5.98
C LEU A 178 12.13 -5.67 -5.90
N GLU A 179 12.74 -4.82 -6.73
CA GLU A 179 12.43 -3.40 -6.74
C GLU A 179 11.00 -3.20 -7.21
N ALA A 180 10.57 -3.94 -8.24
CA ALA A 180 9.19 -3.83 -8.72
C ALA A 180 8.21 -4.34 -7.65
N MET A 181 8.58 -5.35 -6.85
CA MET A 181 7.73 -5.85 -5.78
C MET A 181 7.62 -4.77 -4.67
N ALA A 182 8.79 -4.15 -4.33
CA ALA A 182 8.79 -3.10 -3.32
C ALA A 182 7.93 -1.92 -3.79
N LEU A 183 8.00 -1.59 -5.06
CA LEU A 183 7.27 -0.49 -5.68
C LEU A 183 5.81 -0.78 -5.67
N LYS A 184 5.41 -2.03 -6.02
CA LYS A 184 4.00 -2.46 -5.97
C LYS A 184 3.41 -2.29 -4.56
N SER A 185 4.15 -2.71 -3.52
CA SER A 185 3.60 -2.53 -2.16
C SER A 185 3.48 -1.06 -1.78
N THR A 186 4.20 -0.14 -2.47
CA THR A 186 4.13 1.27 -2.14
C THR A 186 2.99 1.97 -2.83
N ILE A 187 2.73 1.64 -4.07
CA ILE A 187 1.68 2.27 -4.88
C ILE A 187 0.34 1.57 -4.65
N ASP A 188 0.33 0.25 -4.68
CA ASP A 188 -0.90 -0.53 -4.52
C ASP A 188 -1.28 -0.60 -3.05
N LEU A 189 -1.79 0.50 -2.53
CA LEU A 189 -2.19 0.68 -1.12
C LEU A 189 -3.36 -0.23 -0.75
N THR A 190 -4.30 -0.42 -1.66
CA THR A 190 -5.46 -1.27 -1.37
C THR A 190 -5.16 -2.77 -1.58
N CYS A 191 -3.91 -3.13 -1.94
CA CYS A 191 -3.47 -4.51 -2.15
C CYS A 191 -4.46 -5.34 -2.96
N ASN A 192 -4.91 -4.81 -4.10
CA ASN A 192 -5.85 -5.50 -4.98
C ASN A 192 -5.25 -5.86 -6.34
N ASP A 193 -3.98 -5.59 -6.59
CA ASP A 193 -3.33 -5.85 -7.90
C ASP A 193 -3.77 -4.88 -9.03
N TYR A 194 -4.37 -3.75 -8.63
CA TYR A 194 -4.76 -2.68 -9.52
C TYR A 194 -4.19 -1.38 -8.99
N ILE A 195 -3.92 -0.43 -9.89
CA ILE A 195 -3.47 0.89 -9.49
C ILE A 195 -4.60 1.87 -9.90
N SER A 196 -5.23 2.52 -8.94
CA SER A 196 -6.27 3.49 -9.29
C SER A 196 -5.60 4.85 -9.50
N VAL A 197 -6.30 5.79 -10.14
CA VAL A 197 -5.79 7.13 -10.34
C VAL A 197 -5.54 7.84 -8.97
N PHE A 198 -6.27 7.44 -7.94
CA PHE A 198 -6.18 7.98 -6.59
C PHE A 198 -4.88 7.47 -5.96
N GLU A 199 -4.59 6.17 -6.11
CA GLU A 199 -3.33 5.61 -5.58
C GLU A 199 -2.14 6.25 -6.30
N PHE A 200 -2.29 6.48 -7.62
CA PHE A 200 -1.26 7.11 -8.43
C PHE A 200 -1.02 8.55 -7.96
N ASP A 201 -2.11 9.27 -7.64
CA ASP A 201 -2.01 10.66 -7.17
C ASP A 201 -1.30 10.69 -5.80
N ILE A 202 -1.65 9.79 -4.87
CA ILE A 202 -0.92 9.74 -3.59
C ILE A 202 0.58 9.50 -3.77
N PHE A 203 0.97 8.48 -4.55
CA PHE A 203 2.37 8.14 -4.70
C PHE A 203 3.14 9.30 -5.37
N THR A 204 2.56 9.95 -6.38
CA THR A 204 3.27 11.03 -7.09
C THR A 204 3.35 12.31 -6.28
N ARG A 205 2.39 12.54 -5.36
CA ARG A 205 2.49 13.65 -4.45
C ARG A 205 3.61 13.38 -3.43
N LEU A 206 3.68 12.16 -2.86
CA LEU A 206 4.73 11.85 -1.85
C LEU A 206 6.13 11.86 -2.37
N PHE A 207 6.33 11.34 -3.59
CA PHE A 207 7.66 11.17 -4.12
C PHE A 207 7.99 12.14 -5.27
N GLN A 208 7.28 13.27 -5.34
CA GLN A 208 7.56 14.29 -6.34
C GLN A 208 8.99 14.86 -6.12
N PRO A 209 9.65 15.38 -7.18
CA PRO A 209 9.15 15.58 -8.55
C PRO A 209 9.15 14.33 -9.43
N TRP A 210 8.21 14.30 -10.38
CA TRP A 210 7.99 13.20 -11.31
C TRP A 210 9.24 12.76 -12.06
N GLY A 211 10.05 13.72 -12.53
CA GLY A 211 11.26 13.45 -13.31
C GLY A 211 12.28 12.51 -12.70
N SER A 212 12.31 12.45 -11.38
CA SER A 212 13.22 11.56 -10.65
C SER A 212 12.45 10.74 -9.57
N ILE A 213 11.15 10.50 -9.76
CA ILE A 213 10.28 9.84 -8.79
C ILE A 213 10.83 8.53 -8.20
N LEU A 214 11.43 7.62 -9.01
CA LEU A 214 11.97 6.38 -8.45
C LEU A 214 13.23 6.61 -7.65
N ARG A 215 14.02 7.65 -7.98
CA ARG A 215 15.20 8.01 -7.19
C ARG A 215 14.72 8.57 -5.84
N ASN A 216 13.67 9.39 -5.85
CA ASN A 216 13.11 9.96 -4.62
C ASN A 216 12.56 8.87 -3.73
N TRP A 217 11.84 7.91 -4.33
CA TRP A 217 11.28 6.80 -3.57
C TRP A 217 12.37 5.88 -3.00
N ASN A 218 13.36 5.52 -3.80
CA ASN A 218 14.47 4.68 -3.35
C ASN A 218 15.23 5.30 -2.20
N PHE A 219 15.53 6.59 -2.30
CA PHE A 219 16.25 7.28 -1.25
C PHE A 219 15.37 7.52 -0.01
N LEU A 220 14.24 8.21 -0.15
CA LEU A 220 13.41 8.61 0.98
C LEU A 220 12.64 7.50 1.69
N ALA A 221 12.20 6.45 0.98
CA ALA A 221 11.44 5.39 1.64
C ALA A 221 12.22 4.08 1.81
N VAL A 222 12.95 3.65 0.79
CA VAL A 222 13.62 2.36 0.86
C VAL A 222 14.85 2.37 1.76
N THR A 223 15.73 3.38 1.66
CA THR A 223 16.97 3.36 2.42
C THR A 223 17.12 4.43 3.53
N HIS A 224 16.26 5.44 3.64
CA HIS A 224 16.45 6.51 4.65
C HIS A 224 16.06 6.10 6.08
N PRO A 225 16.98 6.29 7.05
CA PRO A 225 16.68 5.88 8.43
C PRO A 225 15.60 6.69 9.14
N GLY A 226 15.24 7.84 8.58
CA GLY A 226 14.19 8.67 9.19
C GLY A 226 12.80 8.20 8.80
N TYR A 227 12.68 7.33 7.77
CA TYR A 227 11.36 6.89 7.29
C TYR A 227 10.70 5.90 8.21
N MET A 228 9.48 6.23 8.65
CA MET A 228 8.77 5.38 9.58
C MET A 228 7.47 4.78 9.07
N ALA A 229 7.17 4.87 7.78
CA ALA A 229 5.93 4.28 7.21
C ALA A 229 4.66 4.84 7.94
N PHE A 230 3.50 4.14 8.06
CA PHE A 230 2.35 4.69 8.74
C PHE A 230 2.55 4.63 10.23
N LEU A 231 2.41 5.75 10.92
CA LEU A 231 2.49 5.81 12.36
C LEU A 231 1.40 6.78 12.83
N THR A 232 0.86 6.53 14.02
CA THR A 232 -0.04 7.53 14.63
C THR A 232 0.93 8.53 15.33
N TYR A 233 0.42 9.69 15.74
CA TYR A 233 1.23 10.66 16.44
C TYR A 233 1.75 10.09 17.76
N ASP A 234 0.93 9.29 18.47
CA ASP A 234 1.40 8.66 19.72
C ASP A 234 2.59 7.73 19.47
N GLU A 235 2.65 7.01 18.32
CA GLU A 235 3.80 6.15 18.06
C GLU A 235 5.02 7.01 17.67
N VAL A 236 4.80 8.16 16.99
CA VAL A 236 5.89 9.08 16.63
C VAL A 236 6.56 9.58 17.91
N LYS A 237 5.73 9.97 18.89
CA LYS A 237 6.17 10.39 20.22
C LYS A 237 6.93 9.32 20.92
N ALA A 238 6.38 8.08 20.99
CA ALA A 238 7.08 6.97 21.66
C ALA A 238 8.42 6.70 20.98
N ARG A 239 8.45 6.78 19.65
CA ARG A 239 9.68 6.58 18.91
C ARG A 239 10.73 7.63 19.26
N LEU A 240 10.33 8.91 19.35
CA LEU A 240 11.27 9.99 19.65
C LEU A 240 11.48 10.24 21.16
N GLN A 241 10.74 9.53 22.04
CA GLN A 241 10.81 9.73 23.50
C GLN A 241 12.14 9.28 24.05
N LYS A 242 12.72 8.21 23.51
CA LYS A 242 14.04 7.76 23.94
C LYS A 242 15.14 8.79 23.58
N TYR A 243 14.90 9.62 22.53
CA TYR A 243 15.82 10.65 22.08
C TYR A 243 15.36 12.07 22.45
N SER A 244 14.43 12.21 23.41
CA SER A 244 13.97 13.53 23.86
C SER A 244 15.13 14.39 24.45
N THR A 245 16.28 13.76 24.71
CA THR A 245 17.50 14.36 25.23
C THR A 245 18.45 14.82 24.08
N LYS A 246 18.02 14.70 22.80
CA LYS A 246 18.83 15.07 21.64
C LYS A 246 18.01 15.91 20.67
N PRO A 247 18.04 17.23 20.85
CA PRO A 247 17.30 18.12 19.92
C PRO A 247 17.76 17.93 18.48
N GLY A 248 16.84 18.10 17.55
CA GLY A 248 17.15 17.89 16.15
C GLY A 248 16.88 16.47 15.70
N SER A 249 16.62 15.52 16.65
CA SER A 249 16.25 14.16 16.24
C SER A 249 14.89 14.23 15.53
N TYR A 250 14.75 13.51 14.43
CA TYR A 250 13.54 13.61 13.62
C TYR A 250 13.21 12.33 12.90
N ILE A 251 11.95 12.16 12.53
CA ILE A 251 11.50 11.06 11.72
C ILE A 251 10.39 11.58 10.81
N PHE A 252 10.15 10.94 9.66
CA PHE A 252 9.03 11.36 8.80
C PHE A 252 8.14 10.14 8.56
N ARG A 253 6.85 10.36 8.66
CA ARG A 253 5.89 9.28 8.57
C ARG A 253 4.72 9.63 7.67
N LEU A 254 3.96 8.59 7.31
CA LEU A 254 2.71 8.73 6.55
C LEU A 254 1.57 8.66 7.54
N SER A 255 0.45 9.25 7.18
CA SER A 255 -0.72 9.31 8.04
C SER A 255 -1.91 8.78 7.25
N CYS A 256 -2.60 7.77 7.78
CA CYS A 256 -3.73 7.21 7.06
C CYS A 256 -4.95 8.15 7.05
N THR A 257 -4.88 9.30 7.76
CA THR A 257 -5.91 10.33 7.73
C THR A 257 -5.45 11.56 6.90
N ARG A 258 -4.29 11.51 6.24
CA ARG A 258 -3.78 12.59 5.41
C ARG A 258 -3.00 11.92 4.27
N LEU A 259 -3.70 11.14 3.42
CA LEU A 259 -3.02 10.42 2.33
C LEU A 259 -2.39 11.38 1.33
N GLY A 260 -1.17 11.07 0.91
CA GLY A 260 -0.47 11.91 -0.04
C GLY A 260 0.40 12.97 0.58
N GLN A 261 0.40 13.08 1.93
CA GLN A 261 1.26 14.03 2.61
C GLN A 261 2.09 13.37 3.68
N TRP A 262 3.25 13.96 3.93
CA TRP A 262 4.23 13.57 4.93
C TRP A 262 4.00 14.33 6.23
N ALA A 263 4.44 13.76 7.36
CA ALA A 263 4.39 14.47 8.63
C ALA A 263 5.79 14.24 9.25
N ILE A 264 6.55 15.33 9.51
CA ILE A 264 7.89 15.20 10.09
C ILE A 264 7.78 15.53 11.56
N GLY A 265 8.08 14.56 12.40
CA GLY A 265 8.07 14.69 13.85
C GLY A 265 9.49 14.96 14.31
N TYR A 266 9.68 15.92 15.23
CA TYR A 266 11.06 16.25 15.62
C TYR A 266 11.18 16.74 17.04
N VAL A 267 12.39 16.67 17.59
CA VAL A 267 12.66 17.17 18.93
C VAL A 267 13.14 18.63 18.86
N THR A 268 12.38 19.54 19.46
CA THR A 268 12.70 20.97 19.55
C THR A 268 13.91 21.22 20.50
N GLY A 269 14.46 22.43 20.49
CA GLY A 269 15.55 22.82 21.37
C GLY A 269 15.20 22.68 22.84
N ASP A 270 13.91 22.88 23.17
CA ASP A 270 13.46 22.75 24.55
C ASP A 270 12.93 21.35 24.92
N GLY A 271 13.23 20.34 24.12
CA GLY A 271 12.84 18.95 24.41
C GLY A 271 11.43 18.48 24.08
N ASN A 272 10.58 19.34 23.49
CA ASN A 272 9.24 18.91 23.11
C ASN A 272 9.27 18.18 21.76
N ILE A 273 8.24 17.36 21.47
CA ILE A 273 8.14 16.68 20.18
C ILE A 273 7.03 17.38 19.42
N LEU A 274 7.39 17.99 18.29
CA LEU A 274 6.43 18.70 17.48
C LEU A 274 6.43 18.08 16.09
N GLN A 275 5.42 18.40 15.30
CA GLN A 275 5.38 17.91 13.93
C GLN A 275 5.11 19.01 12.95
N THR A 276 5.55 18.80 11.69
CA THR A 276 5.36 19.77 10.61
C THR A 276 4.89 19.00 9.34
N ILE A 277 3.91 19.54 8.61
CA ILE A 277 3.43 18.96 7.38
C ILE A 277 3.96 19.81 6.27
N PRO A 278 4.93 19.31 5.50
CA PRO A 278 5.48 20.12 4.41
C PRO A 278 4.43 20.48 3.36
N HIS A 279 4.67 21.56 2.62
CA HIS A 279 3.77 21.99 1.55
C HIS A 279 3.79 21.00 0.36
N ASN A 280 3.07 21.32 -0.72
CA ASN A 280 3.04 20.52 -1.93
C ASN A 280 4.36 20.73 -2.71
N LYS A 281 5.47 20.32 -2.09
CA LYS A 281 6.86 20.43 -2.51
C LYS A 281 7.64 19.17 -2.06
N PRO A 282 8.74 18.84 -2.73
CA PRO A 282 9.46 17.61 -2.38
C PRO A 282 9.89 17.51 -0.92
N LEU A 283 9.69 16.33 -0.32
CA LEU A 283 10.09 16.04 1.06
C LEU A 283 11.61 16.28 1.23
N PHE A 284 12.41 15.95 0.22
CA PHE A 284 13.86 16.14 0.31
C PHE A 284 14.24 17.62 0.45
N GLN A 285 13.47 18.54 -0.15
CA GLN A 285 13.74 19.96 0.01
C GLN A 285 13.39 20.44 1.42
N ALA A 286 12.32 19.88 2.02
CA ALA A 286 11.95 20.23 3.38
C ALA A 286 13.00 19.69 4.37
N LEU A 287 13.59 18.52 4.09
CA LEU A 287 14.63 17.97 4.95
C LEU A 287 15.92 18.73 4.79
N ILE A 288 16.23 19.20 3.57
CA ILE A 288 17.43 19.98 3.34
C ILE A 288 17.31 21.31 4.06
N ASP A 289 16.16 21.99 3.92
CA ASP A 289 15.92 23.28 4.55
C ASP A 289 16.01 23.17 6.07
N GLY A 290 15.30 22.20 6.63
CA GLY A 290 15.29 22.01 8.07
C GLY A 290 16.64 21.62 8.63
N SER A 291 17.47 20.94 7.83
CA SER A 291 18.80 20.57 8.29
C SER A 291 19.64 21.84 8.40
N ARG A 292 19.65 22.68 7.34
CA ARG A 292 20.41 23.93 7.32
C ARG A 292 20.04 24.84 8.48
N GLU A 293 18.73 24.87 8.81
CA GLU A 293 18.22 25.68 9.91
C GLU A 293 18.23 24.99 11.28
N GLY A 294 18.94 23.88 11.40
CA GLY A 294 19.12 23.16 12.66
C GLY A 294 17.92 22.47 13.30
N PHE A 295 16.81 22.28 12.57
CA PHE A 295 15.65 21.60 13.13
C PHE A 295 15.71 20.08 12.92
N TYR A 296 16.12 19.62 11.71
CA TYR A 296 16.17 18.21 11.35
C TYR A 296 17.62 17.74 11.19
N LEU A 297 18.24 17.27 12.25
CA LEU A 297 19.64 16.84 12.22
C LEU A 297 19.90 15.35 12.35
N TYR A 298 19.11 14.64 13.18
CA TYR A 298 19.42 13.22 13.48
C TYR A 298 18.27 12.30 13.16
N PRO A 299 18.28 11.65 11.99
CA PRO A 299 17.14 10.78 11.62
C PRO A 299 17.04 9.60 12.58
N ASP A 300 15.87 9.39 13.18
CA ASP A 300 15.67 8.34 14.18
C ASP A 300 16.67 8.45 15.34
N GLY A 301 17.12 9.67 15.64
CA GLY A 301 18.09 9.92 16.69
C GLY A 301 19.54 9.56 16.40
N ARG A 302 19.85 9.06 15.18
CA ARG A 302 21.23 8.65 14.80
C ARG A 302 22.02 9.82 14.19
N SER A 303 23.33 9.92 14.52
CA SER A 303 24.20 11.02 14.10
C SER A 303 24.37 11.23 12.60
N TYR A 304 24.37 10.18 11.78
CA TYR A 304 24.52 10.35 10.34
C TYR A 304 23.22 10.81 9.66
N ASN A 305 23.27 11.95 8.96
CA ASN A 305 22.12 12.44 8.22
C ASN A 305 22.48 12.38 6.76
N PRO A 306 21.90 11.44 5.99
CA PRO A 306 22.27 11.30 4.57
C PRO A 306 22.20 12.57 3.76
N ASP A 307 23.14 12.73 2.84
CA ASP A 307 23.25 13.86 1.92
C ASP A 307 22.10 13.75 0.90
N LEU A 308 21.11 14.64 0.99
CA LEU A 308 19.96 14.60 0.07
C LEU A 308 20.11 15.48 -1.18
N THR A 309 21.10 16.40 -1.18
CA THR A 309 21.32 17.34 -2.29
C THR A 309 21.48 16.69 -3.66
N GLY A 310 21.75 15.38 -3.70
CA GLY A 310 21.86 14.63 -4.94
C GLY A 310 20.54 14.60 -5.70
N LEU A 311 19.42 14.56 -4.96
CA LEU A 311 18.08 14.55 -5.54
C LEU A 311 17.70 15.89 -6.20
N CYS A 312 18.39 16.99 -5.86
CA CYS A 312 18.14 18.30 -6.46
C CYS A 312 18.65 18.34 -7.90
N GLU A 313 19.86 17.82 -8.13
CA GLU A 313 20.47 17.83 -9.47
C GLU A 313 19.89 16.74 -10.38
N LYS A 321 22.20 1.27 -6.58
CA LYS A 321 22.55 1.74 -5.23
C LYS A 321 21.77 1.01 -4.14
N VAL A 322 20.55 0.52 -4.43
CA VAL A 322 19.77 -0.20 -3.42
C VAL A 322 19.99 -1.72 -3.59
N THR A 323 20.41 -2.41 -2.53
CA THR A 323 20.68 -3.85 -2.61
C THR A 323 19.40 -4.68 -2.56
N GLN A 324 19.46 -5.92 -3.05
CA GLN A 324 18.34 -6.83 -3.03
C GLN A 324 17.83 -7.10 -1.62
N GLU A 325 18.76 -7.12 -0.64
CA GLU A 325 18.44 -7.33 0.74
C GLU A 325 17.61 -6.16 1.30
N GLN A 326 17.93 -4.92 0.91
CA GLN A 326 17.17 -3.76 1.37
C GLN A 326 15.70 -3.82 0.85
N TYR A 327 15.50 -4.21 -0.41
CA TYR A 327 14.15 -4.32 -0.96
C TYR A 327 13.38 -5.41 -0.24
N GLU A 328 14.04 -6.55 0.06
CA GLU A 328 13.40 -7.65 0.75
C GLU A 328 12.89 -7.22 2.15
N LEU A 329 13.72 -6.50 2.91
CA LEU A 329 13.31 -6.03 4.24
C LEU A 329 12.17 -5.00 4.12
N TYR A 330 12.26 -4.12 3.13
CA TYR A 330 11.21 -3.13 2.88
C TYR A 330 9.84 -3.82 2.64
N CYS A 331 9.85 -4.94 1.93
CA CYS A 331 8.64 -5.71 1.58
C CYS A 331 7.92 -6.37 2.76
N GLU A 332 8.60 -6.56 3.92
CA GLU A 332 7.99 -7.19 5.10
C GLU A 332 6.61 -6.66 5.46
N MET A 333 6.45 -5.32 5.62
CA MET A 333 5.15 -4.77 6.02
C MET A 333 4.07 -4.93 4.96
N GLY A 334 4.47 -5.05 3.69
CA GLY A 334 3.51 -5.22 2.61
C GLY A 334 2.81 -6.58 2.59
N SER A 335 1.97 -6.74 1.56
CA SER A 335 1.22 -7.93 1.25
C SER A 335 1.63 -8.37 -0.16
N THR A 336 2.90 -8.75 -0.32
CA THR A 336 3.40 -9.19 -1.63
C THR A 336 3.94 -10.62 -1.62
N PHE A 337 3.79 -11.37 -0.52
CA PHE A 337 4.32 -12.74 -0.48
C PHE A 337 3.72 -13.62 -1.59
N GLN A 338 2.48 -13.35 -2.00
CA GLN A 338 1.84 -14.11 -3.08
C GLN A 338 2.37 -13.78 -4.47
N LEU A 339 3.20 -12.74 -4.63
CA LEU A 339 3.66 -12.26 -5.92
C LEU A 339 4.95 -12.94 -6.39
N CYS A 340 5.00 -13.41 -7.66
CA CYS A 340 6.21 -14.03 -8.20
C CYS A 340 7.40 -13.05 -8.10
N LYS A 341 8.46 -13.45 -7.42
CA LYS A 341 9.68 -12.65 -7.21
C LYS A 341 10.48 -12.40 -8.45
N ILE A 342 10.32 -13.23 -9.46
CA ILE A 342 11.07 -13.08 -10.70
C ILE A 342 10.50 -11.97 -11.56
N CYS A 343 9.19 -12.05 -11.91
CA CYS A 343 8.54 -11.09 -12.80
C CYS A 343 7.90 -9.93 -12.09
N ALA A 344 7.54 -10.09 -10.79
CA ALA A 344 6.80 -9.10 -10.01
C ALA A 344 5.50 -8.62 -10.71
N GLU A 345 4.84 -9.50 -11.47
CA GLU A 345 3.59 -9.10 -12.12
C GLU A 345 2.53 -10.19 -12.10
N ASN A 346 2.92 -11.46 -11.89
CA ASN A 346 1.95 -12.55 -11.77
C ASN A 346 2.05 -13.13 -10.37
N ASP A 347 0.96 -13.75 -9.88
CA ASP A 347 1.02 -14.40 -8.56
C ASP A 347 1.72 -15.76 -8.68
N LYS A 348 2.31 -16.22 -7.57
CA LYS A 348 2.93 -17.54 -7.52
C LYS A 348 1.81 -18.59 -7.69
N ASP A 349 1.97 -19.51 -8.64
CA ASP A 349 0.97 -20.55 -8.84
C ASP A 349 1.59 -21.92 -9.02
N VAL A 350 2.93 -22.06 -8.82
CA VAL A 350 3.58 -23.34 -8.97
C VAL A 350 4.72 -23.47 -7.98
N LYS A 351 4.87 -24.67 -7.41
CA LYS A 351 5.88 -25.01 -6.43
C LYS A 351 6.82 -25.98 -7.06
N ILE A 352 8.14 -25.72 -6.95
CA ILE A 352 9.13 -26.65 -7.47
C ILE A 352 9.34 -27.74 -6.44
N GLU A 353 9.54 -28.96 -6.89
CA GLU A 353 9.80 -30.10 -6.02
C GLU A 353 11.17 -30.67 -6.37
N PRO A 354 11.96 -31.04 -5.35
CA PRO A 354 11.65 -31.04 -3.92
C PRO A 354 11.94 -29.78 -3.10
N CYS A 355 12.70 -28.80 -3.63
CA CYS A 355 13.10 -27.64 -2.83
C CYS A 355 11.94 -26.78 -2.27
N GLY A 356 10.87 -26.63 -3.04
CA GLY A 356 9.71 -25.89 -2.57
C GLY A 356 9.71 -24.41 -2.89
N HIS A 357 10.61 -23.94 -3.77
CA HIS A 357 10.58 -22.53 -4.16
C HIS A 357 9.32 -22.28 -4.99
N LEU A 358 8.75 -21.08 -4.91
CA LEU A 358 7.53 -20.76 -5.63
C LEU A 358 7.76 -19.72 -6.68
N MET A 359 7.02 -19.79 -7.79
CA MET A 359 7.06 -18.76 -8.82
C MET A 359 5.79 -18.86 -9.69
N CYS A 360 5.60 -17.96 -10.69
CA CYS A 360 4.46 -18.09 -11.59
C CYS A 360 4.79 -19.15 -12.70
N THR A 361 3.76 -19.63 -13.37
CA THR A 361 3.87 -20.60 -14.45
C THR A 361 4.68 -20.05 -15.63
N SER A 362 4.51 -18.75 -15.97
CA SER A 362 5.24 -18.18 -17.11
C SER A 362 6.73 -18.16 -16.83
N CYS A 363 7.12 -17.81 -15.60
CA CYS A 363 8.54 -17.73 -15.27
C CYS A 363 9.19 -19.08 -15.25
N LEU A 364 8.48 -20.10 -14.77
CA LEU A 364 9.04 -21.44 -14.74
C LEU A 364 9.21 -21.95 -16.14
N THR A 365 8.21 -21.73 -17.01
CA THR A 365 8.31 -22.16 -18.41
C THR A 365 9.48 -21.45 -19.09
N ALA A 366 9.58 -20.12 -18.91
CA ALA A 366 10.67 -19.31 -19.47
C ALA A 366 12.02 -19.83 -18.98
N TRP A 367 12.10 -20.14 -17.66
CA TRP A 367 13.29 -20.71 -17.02
C TRP A 367 13.69 -22.07 -17.62
N GLN A 368 12.74 -22.99 -17.78
CA GLN A 368 12.98 -24.31 -18.37
C GLN A 368 13.44 -24.21 -19.84
N GLU A 369 12.97 -23.18 -20.54
CA GLU A 369 13.38 -22.95 -21.92
C GLU A 369 14.69 -22.16 -22.03
N SER A 370 15.22 -21.62 -20.92
CA SER A 370 16.44 -20.83 -20.95
C SER A 370 17.66 -21.51 -20.34
N ASP A 371 17.66 -21.69 -19.02
CA ASP A 371 18.77 -22.28 -18.29
C ASP A 371 18.31 -23.69 -17.92
N GLY A 372 17.28 -23.81 -17.09
CA GLY A 372 16.71 -25.09 -16.69
C GLY A 372 17.62 -25.98 -15.87
N GLN A 373 18.86 -25.53 -15.60
CA GLN A 373 19.80 -26.34 -14.84
C GLN A 373 19.52 -26.13 -13.37
N GLY A 374 18.44 -26.72 -12.90
CA GLY A 374 18.02 -26.62 -11.51
C GLY A 374 17.10 -25.46 -11.25
N CYS A 375 16.57 -25.39 -10.02
CA CYS A 375 15.67 -24.33 -9.55
C CYS A 375 16.35 -22.97 -9.73
N PRO A 376 15.62 -21.94 -10.19
CA PRO A 376 16.24 -20.62 -10.35
C PRO A 376 16.66 -19.94 -9.04
N PHE A 377 16.25 -20.48 -7.88
CA PHE A 377 16.60 -19.88 -6.59
C PHE A 377 17.69 -20.68 -5.86
N CYS A 378 17.58 -22.02 -5.83
CA CYS A 378 18.54 -22.83 -5.08
C CYS A 378 19.40 -23.74 -5.96
N ARG A 379 19.13 -23.82 -7.27
CA ARG A 379 19.89 -24.66 -8.20
C ARG A 379 19.67 -26.17 -8.02
N CYS A 380 18.82 -26.58 -7.04
CA CYS A 380 18.54 -27.99 -6.85
C CYS A 380 17.81 -28.55 -8.04
N GLU A 381 18.04 -29.83 -8.36
CA GLU A 381 17.40 -30.50 -9.48
C GLU A 381 15.87 -30.43 -9.38
N ILE A 382 15.21 -30.05 -10.49
CA ILE A 382 13.75 -29.97 -10.51
C ILE A 382 13.20 -31.36 -10.80
N LYS A 383 12.76 -32.07 -9.76
CA LYS A 383 12.19 -33.41 -9.96
C LYS A 383 10.72 -33.32 -10.41
N GLY A 384 10.04 -32.24 -10.03
CA GLY A 384 8.65 -32.02 -10.39
C GLY A 384 8.18 -30.63 -10.05
N THR A 385 6.95 -30.34 -10.40
CA THR A 385 6.27 -29.09 -10.16
C THR A 385 4.85 -29.43 -9.65
N GLU A 386 4.26 -28.50 -8.90
CA GLU A 386 2.94 -28.73 -8.34
C GLU A 386 2.18 -27.42 -8.26
N PRO A 387 1.02 -27.32 -8.94
CA PRO A 387 0.22 -26.08 -8.85
C PRO A 387 -0.16 -25.76 -7.41
N ILE A 388 -0.14 -24.48 -7.03
CA ILE A 388 -0.45 -24.05 -5.66
C ILE A 388 -1.18 -22.70 -5.68
N ILE A 389 -1.82 -22.34 -4.57
CA ILE A 389 -2.44 -21.03 -4.38
C ILE A 389 -1.74 -20.39 -3.18
N VAL A 390 -1.20 -19.18 -3.38
CA VAL A 390 -0.51 -18.50 -2.29
C VAL A 390 -1.30 -17.29 -1.79
N ASP A 391 -1.48 -17.23 -0.48
CA ASP A 391 -2.15 -16.09 0.14
C ASP A 391 -1.06 -15.11 0.64
N PRO A 392 -1.30 -13.79 0.57
CA PRO A 392 -0.28 -12.82 1.04
C PRO A 392 0.17 -12.99 2.50
N PHE A 393 -0.63 -13.69 3.32
CA PHE A 393 -0.26 -13.89 4.72
C PHE A 393 0.36 -15.27 5.01
N ASP A 394 0.96 -15.90 3.98
CA ASP A 394 1.64 -17.19 4.17
C ASP A 394 3.12 -16.96 4.54
#